data_3DPL
#
_entry.id   3DPL
#
_cell.length_a   62.965
_cell.length_b   65.510
_cell.length_c   141.116
_cell.angle_alpha   90.00
_cell.angle_beta   90.00
_cell.angle_gamma   90.00
#
_symmetry.space_group_name_H-M   'P 21 21 21'
#
loop_
_entity.id
_entity.type
_entity.pdbx_description
1 polymer Cullin-5
2 polymer 'RING-box protein 1'
3 non-polymer 'ZINC ION'
4 water water
#
loop_
_entity_poly.entity_id
_entity_poly.type
_entity_poly.pdbx_seq_one_letter_code
_entity_poly.pdbx_strand_id
1 'polypeptide(L)'
;GSESKCPEELANYCDMLLRKTPLSKKLTSEEIEAKLKEVLKKLKYVQNKDVFMRYHKAHLTRRLILDISADSEIEENMVE
WLREVGMPADYVNKLARMFQDIKVSEDLNQAFKEMHKNNKLALPADSVNIKILNAGAWSRSSEKVFVSLPTELEDLIPEV
EEFYKKNHSGRKLHWHHLMSNGIITFKNEVGQYDLEVTTFQLAVLFAWNQRPREKISFENLKLATELPDAELRRTLWSLV
AFPKLKRQVLLYEPQVNSPKDFTEGTLFSVNQEFSLIKNAKVQKRGKINLIGRLQLTTERMREEENEGIVQLRILRTQEA
IIQIMKMRKKISNAQLQTELVEILKNMFLPQKKMIKEQIEWLIEHKYIRRDESDINTFIYMA
;
C
2 'polypeptide(L)'
;GSMDVDTPSGTNSGAGKKRFEVKKWNAVALWAWDIVVDNCAICRNHIMDLCIECQANQASATSEECTVAWGVCNHAFHFH
CISRWLKTRQVCPLDNREWEFQKYGH
;
R
#
loop_
_chem_comp.id
_chem_comp.type
_chem_comp.name
_chem_comp.formula
ZN non-polymer 'ZINC ION' 'Zn 2'
#
# COMPACT_ATOMS: atom_id res chain seq x y z
N GLU A 3 -22.04 15.52 4.26
CA GLU A 3 -22.88 14.69 3.35
C GLU A 3 -22.08 13.55 2.75
N SER A 4 -21.22 13.88 1.80
CA SER A 4 -20.38 12.92 1.11
C SER A 4 -21.10 11.59 0.88
N LYS A 5 -21.69 11.46 -0.30
CA LYS A 5 -22.40 10.24 -0.66
C LYS A 5 -21.36 9.20 -1.15
N CYS A 6 -20.43 9.67 -1.97
CA CYS A 6 -19.36 8.84 -2.54
C CYS A 6 -18.57 8.10 -1.45
N PRO A 7 -18.53 6.76 -1.52
CA PRO A 7 -17.81 5.91 -0.56
C PRO A 7 -16.35 6.30 -0.36
N GLU A 8 -15.69 6.69 -1.45
CA GLU A 8 -14.29 7.08 -1.37
C GLU A 8 -14.09 8.39 -0.59
N GLU A 9 -14.96 9.37 -0.82
CA GLU A 9 -14.85 10.63 -0.09
C GLU A 9 -14.96 10.31 1.39
N LEU A 10 -15.82 9.34 1.71
CA LEU A 10 -16.04 8.93 3.09
C LEU A 10 -14.86 8.21 3.72
N ALA A 11 -14.08 7.51 2.88
CA ALA A 11 -12.92 6.79 3.40
C ALA A 11 -11.81 7.82 3.63
N ASN A 12 -11.68 8.78 2.72
CA ASN A 12 -10.68 9.82 2.86
C ASN A 12 -10.97 10.59 4.14
N TYR A 13 -12.22 11.02 4.27
CA TYR A 13 -12.63 11.78 5.44
C TYR A 13 -12.23 11.04 6.71
N CYS A 14 -12.56 9.76 6.79
CA CYS A 14 -12.22 8.95 7.95
C CYS A 14 -10.73 9.00 8.18
N ASP A 15 -9.96 8.94 7.11
CA ASP A 15 -8.52 8.98 7.26
C ASP A 15 -8.09 10.31 7.82
N MET A 16 -8.68 11.39 7.34
CA MET A 16 -8.36 12.73 7.80
C MET A 16 -8.55 12.86 9.31
N LEU A 17 -9.39 12.01 9.89
CA LEU A 17 -9.68 12.05 11.32
C LEU A 17 -8.81 11.11 12.16
N LEU A 18 -8.38 10.01 11.56
CA LEU A 18 -7.55 9.02 12.24
C LEU A 18 -6.07 9.26 12.01
N ARG A 19 -5.76 10.10 11.01
CA ARG A 19 -4.40 10.43 10.67
C ARG A 19 -4.03 11.75 11.34
N LYS A 20 -2.76 11.92 11.69
CA LYS A 20 -2.32 13.17 12.30
C LYS A 20 -2.49 14.23 11.24
N THR A 21 -3.47 15.10 11.41
CA THR A 21 -3.75 16.14 10.44
C THR A 21 -4.26 17.41 11.11
N PRO A 22 -4.23 18.54 10.39
CA PRO A 22 -4.71 19.80 10.95
C PRO A 22 -6.07 19.61 11.62
N LEU A 23 -6.90 18.76 11.04
CA LEU A 23 -8.22 18.48 11.58
C LEU A 23 -8.15 17.55 12.79
N SER A 24 -7.34 16.51 12.67
CA SER A 24 -7.15 15.55 13.75
C SER A 24 -6.67 16.25 15.02
N LYS A 25 -5.96 17.34 14.83
CA LYS A 25 -5.39 18.13 15.92
C LYS A 25 -6.42 19.06 16.54
N LYS A 26 -7.35 19.54 15.73
CA LYS A 26 -8.41 20.45 16.20
C LYS A 26 -9.61 19.70 16.78
N LEU A 27 -9.38 18.57 17.43
CA LEU A 27 -10.47 17.80 18.00
C LEU A 27 -10.06 16.90 19.15
N THR A 28 -10.97 16.70 20.10
CA THR A 28 -10.71 15.85 21.25
C THR A 28 -11.14 14.43 20.89
N SER A 29 -10.73 13.45 21.70
CA SER A 29 -11.11 12.08 21.42
C SER A 29 -12.60 12.04 21.10
N GLU A 30 -13.41 12.55 22.03
CA GLU A 30 -14.87 12.57 21.89
C GLU A 30 -15.36 13.20 20.60
N GLU A 31 -14.79 14.33 20.24
CA GLU A 31 -15.19 15.00 19.01
C GLU A 31 -14.94 14.05 17.83
N ILE A 32 -13.71 13.54 17.74
CA ILE A 32 -13.32 12.62 16.68
C ILE A 32 -14.25 11.40 16.66
N GLU A 33 -14.29 10.72 17.79
CA GLU A 33 -15.11 9.54 17.98
C GLU A 33 -16.52 9.71 17.43
N ALA A 34 -17.25 10.67 17.98
CA ALA A 34 -18.62 10.92 17.53
C ALA A 34 -18.68 11.14 16.03
N LYS A 35 -17.69 11.86 15.49
CA LYS A 35 -17.66 12.15 14.06
C LYS A 35 -17.38 10.89 13.23
N LEU A 36 -16.57 9.99 13.77
CA LEU A 36 -16.28 8.76 13.06
C LEU A 36 -17.52 7.90 12.99
N LYS A 37 -18.39 8.02 13.99
CA LYS A 37 -19.61 7.24 14.02
C LYS A 37 -20.70 7.85 13.12
N GLU A 38 -20.68 9.16 12.93
CA GLU A 38 -21.67 9.79 12.08
C GLU A 38 -21.31 9.58 10.61
N VAL A 39 -20.32 8.74 10.38
CA VAL A 39 -19.89 8.44 9.02
C VAL A 39 -20.23 6.99 8.76
N LEU A 40 -19.98 6.14 9.76
CA LEU A 40 -20.26 4.73 9.62
C LEU A 40 -21.77 4.54 9.52
N LYS A 41 -22.51 5.44 10.14
CA LYS A 41 -23.96 5.38 10.11
C LYS A 41 -24.41 5.61 8.67
N LYS A 42 -23.84 6.62 8.03
CA LYS A 42 -24.18 6.94 6.65
C LYS A 42 -23.79 5.84 5.67
N LEU A 43 -23.04 4.83 6.15
CA LEU A 43 -22.61 3.73 5.30
C LEU A 43 -23.75 2.83 4.82
N LYS A 44 -24.78 2.69 5.64
CA LYS A 44 -25.90 1.84 5.31
C LYS A 44 -26.72 2.36 4.12
N TYR A 45 -26.33 3.51 3.58
CA TYR A 45 -27.01 4.11 2.45
C TYR A 45 -26.11 4.11 1.21
N VAL A 46 -24.94 3.51 1.36
CA VAL A 46 -23.99 3.43 0.26
C VAL A 46 -24.15 2.08 -0.45
N GLN A 47 -24.34 2.13 -1.76
CA GLN A 47 -24.53 0.93 -2.56
C GLN A 47 -23.23 0.13 -2.65
N ASN A 48 -22.18 0.80 -3.08
CA ASN A 48 -20.87 0.19 -3.25
C ASN A 48 -20.00 0.35 -2.01
N LYS A 49 -20.26 -0.54 -1.06
CA LYS A 49 -19.57 -0.57 0.23
C LYS A 49 -18.15 -1.11 0.10
N ASP A 50 -17.89 -1.85 -0.97
CA ASP A 50 -16.57 -2.42 -1.21
C ASP A 50 -15.56 -1.31 -1.44
N VAL A 51 -16.04 -0.14 -1.85
CA VAL A 51 -15.15 1.00 -2.11
C VAL A 51 -14.61 1.64 -0.83
N PHE A 52 -15.51 1.84 0.13
CA PHE A 52 -15.13 2.42 1.40
C PHE A 52 -14.18 1.43 2.05
N MET A 53 -14.62 0.17 2.11
CA MET A 53 -13.82 -0.87 2.75
C MET A 53 -12.43 -0.93 2.17
N ARG A 54 -12.30 -0.83 0.85
CA ARG A 54 -10.97 -0.92 0.27
C ARG A 54 -10.13 0.35 0.51
N TYR A 55 -10.72 1.54 0.42
CA TYR A 55 -9.93 2.74 0.66
C TYR A 55 -9.65 2.95 2.14
N HIS A 56 -10.57 2.53 2.99
CA HIS A 56 -10.35 2.68 4.41
C HIS A 56 -9.14 1.83 4.76
N LYS A 57 -9.16 0.57 4.31
CA LYS A 57 -8.05 -0.34 4.58
C LYS A 57 -6.74 0.17 3.99
N ALA A 58 -6.80 0.85 2.86
CA ALA A 58 -5.57 1.36 2.26
C ALA A 58 -5.03 2.51 3.12
N HIS A 59 -5.93 3.32 3.67
CA HIS A 59 -5.50 4.44 4.50
C HIS A 59 -4.93 3.93 5.81
N LEU A 60 -5.61 2.96 6.40
CA LEU A 60 -5.19 2.37 7.66
C LEU A 60 -3.76 1.84 7.51
N THR A 61 -3.50 1.21 6.37
CA THR A 61 -2.20 0.66 6.10
C THR A 61 -1.13 1.75 6.19
N ARG A 62 -1.30 2.84 5.45
CA ARG A 62 -0.30 3.90 5.52
C ARG A 62 -0.15 4.40 6.96
N ARG A 63 -1.28 4.64 7.65
CA ARG A 63 -1.24 5.15 9.01
C ARG A 63 -0.49 4.27 10.00
N LEU A 64 -0.60 2.95 9.87
CA LEU A 64 0.11 2.07 10.78
C LEU A 64 1.54 1.88 10.31
N ILE A 65 1.78 1.86 9.01
CA ILE A 65 3.13 1.68 8.52
C ILE A 65 3.96 2.92 8.79
N LEU A 66 3.31 4.08 8.84
CA LEU A 66 4.00 5.35 9.06
C LEU A 66 3.87 5.95 10.47
N ASP A 67 3.23 5.23 11.39
CA ASP A 67 3.07 5.73 12.76
C ASP A 67 2.39 7.10 12.78
N ILE A 68 1.34 7.28 11.98
CA ILE A 68 0.70 8.58 11.96
C ILE A 68 -0.74 8.57 12.44
N SER A 69 -1.05 7.68 13.38
CA SER A 69 -2.39 7.62 13.94
C SER A 69 -2.44 8.72 15.00
N ALA A 70 -3.58 9.37 15.13
CA ALA A 70 -3.69 10.43 16.11
C ALA A 70 -3.98 9.84 17.49
N ASP A 71 -4.66 8.70 17.51
CA ASP A 71 -5.01 8.03 18.76
C ASP A 71 -5.03 6.52 18.58
N SER A 72 -4.04 5.86 19.16
CA SER A 72 -3.97 4.41 19.05
C SER A 72 -5.29 3.83 19.53
N GLU A 73 -5.90 4.53 20.48
CA GLU A 73 -7.17 4.11 21.05
C GLU A 73 -8.25 4.16 19.98
N ILE A 74 -8.67 5.37 19.62
CA ILE A 74 -9.69 5.56 18.59
C ILE A 74 -9.41 4.64 17.39
N GLU A 75 -8.16 4.65 16.93
CA GLU A 75 -7.75 3.82 15.80
C GLU A 75 -8.22 2.38 15.92
N GLU A 76 -7.89 1.74 17.05
CA GLU A 76 -8.28 0.35 17.28
C GLU A 76 -9.76 0.17 17.55
N ASN A 77 -10.38 1.09 18.29
CA ASN A 77 -11.80 0.96 18.60
C ASN A 77 -12.67 1.07 17.34
N MET A 78 -12.07 1.55 16.26
CA MET A 78 -12.74 1.71 14.98
C MET A 78 -13.11 0.33 14.41
N VAL A 79 -12.30 -0.68 14.73
CA VAL A 79 -12.51 -2.03 14.27
C VAL A 79 -13.82 -2.62 14.81
N GLU A 80 -14.17 -2.24 16.03
CA GLU A 80 -15.41 -2.73 16.63
C GLU A 80 -16.56 -1.89 16.10
N TRP A 81 -16.33 -0.59 15.96
CA TRP A 81 -17.35 0.29 15.45
C TRP A 81 -17.80 -0.18 14.07
N LEU A 82 -16.87 -0.76 13.32
CA LEU A 82 -17.21 -1.25 11.98
C LEU A 82 -17.99 -2.56 12.11
N ARG A 83 -17.63 -3.36 13.09
CA ARG A 83 -18.29 -4.64 13.31
C ARG A 83 -19.74 -4.40 13.70
N GLU A 84 -19.99 -3.26 14.33
CA GLU A 84 -21.34 -2.91 14.75
C GLU A 84 -22.19 -2.54 13.54
N VAL A 85 -21.81 -1.51 12.80
CA VAL A 85 -22.57 -1.09 11.63
C VAL A 85 -22.82 -2.18 10.59
N GLY A 86 -22.40 -3.40 10.89
CA GLY A 86 -22.64 -4.51 9.98
C GLY A 86 -21.61 -4.95 8.96
N MET A 87 -20.40 -4.39 8.97
CA MET A 87 -19.38 -4.83 8.02
C MET A 87 -19.13 -6.30 8.25
N PRO A 88 -18.74 -7.04 7.21
CA PRO A 88 -18.48 -8.47 7.33
C PRO A 88 -17.39 -8.79 8.33
N ALA A 89 -17.55 -9.92 9.02
CA ALA A 89 -16.57 -10.36 10.00
C ALA A 89 -15.21 -10.65 9.37
N ASP A 90 -15.21 -10.93 8.06
CA ASP A 90 -13.99 -11.25 7.34
C ASP A 90 -13.15 -10.00 7.07
N TYR A 91 -13.84 -8.91 6.76
CA TYR A 91 -13.19 -7.63 6.50
C TYR A 91 -12.67 -7.08 7.82
N VAL A 92 -13.55 -7.04 8.81
CA VAL A 92 -13.22 -6.53 10.12
C VAL A 92 -12.11 -7.36 10.77
N ASN A 93 -12.18 -8.68 10.58
CA ASN A 93 -11.16 -9.54 11.14
C ASN A 93 -9.79 -9.32 10.54
N LYS A 94 -9.69 -9.09 9.23
CA LYS A 94 -8.37 -8.88 8.70
C LYS A 94 -7.86 -7.52 9.16
N LEU A 95 -8.78 -6.64 9.54
CA LEU A 95 -8.39 -5.33 10.04
C LEU A 95 -7.74 -5.57 11.41
N ALA A 96 -8.42 -6.30 12.27
CA ALA A 96 -7.89 -6.61 13.60
C ALA A 96 -6.54 -7.31 13.48
N ARG A 97 -6.38 -8.06 12.39
CA ARG A 97 -5.15 -8.81 12.10
C ARG A 97 -3.98 -7.85 11.88
N MET A 98 -4.26 -6.67 11.34
CA MET A 98 -3.20 -5.70 11.10
C MET A 98 -2.62 -5.10 12.38
N PHE A 99 -3.45 -4.94 13.41
CA PHE A 99 -2.96 -4.40 14.66
C PHE A 99 -2.09 -5.44 15.33
N GLN A 100 -2.50 -6.69 15.21
CA GLN A 100 -1.74 -7.80 15.77
C GLN A 100 -0.38 -7.81 15.09
N ASP A 101 -0.38 -7.70 13.75
CA ASP A 101 0.86 -7.69 12.99
C ASP A 101 1.82 -6.58 13.46
N ILE A 102 1.28 -5.43 13.80
CA ILE A 102 2.09 -4.31 14.26
C ILE A 102 2.67 -4.59 15.65
N LYS A 103 1.83 -5.14 16.53
CA LYS A 103 2.23 -5.50 17.88
C LYS A 103 3.38 -6.49 17.78
N VAL A 104 3.25 -7.46 16.88
CA VAL A 104 4.28 -8.46 16.67
C VAL A 104 5.55 -7.83 16.09
N SER A 105 5.37 -6.78 15.29
CA SER A 105 6.50 -6.09 14.65
C SER A 105 7.31 -5.25 15.63
N GLU A 106 6.62 -4.63 16.59
CA GLU A 106 7.26 -3.80 17.58
C GLU A 106 8.00 -4.57 18.64
N ASP A 107 7.59 -5.80 18.87
CA ASP A 107 8.28 -6.63 19.85
C ASP A 107 9.58 -7.02 19.14
N LEU A 108 9.45 -7.42 17.88
CA LEU A 108 10.61 -7.80 17.07
C LEU A 108 11.56 -6.60 16.88
N ASN A 109 11.04 -5.38 17.04
CA ASN A 109 11.84 -4.17 16.90
C ASN A 109 12.82 -4.08 18.07
N GLN A 110 12.28 -4.16 19.29
CA GLN A 110 13.12 -4.11 20.48
C GLN A 110 14.08 -5.30 20.50
N ALA A 111 13.52 -6.49 20.35
CA ALA A 111 14.34 -7.70 20.36
C ALA A 111 15.58 -7.48 19.50
N PHE A 112 15.48 -6.54 18.57
CA PHE A 112 16.58 -6.22 17.69
C PHE A 112 17.46 -5.12 18.31
N LYS A 113 16.83 -4.04 18.74
CA LYS A 113 17.54 -2.92 19.34
C LYS A 113 18.48 -3.29 20.49
N GLU A 114 18.08 -4.28 21.29
CA GLU A 114 18.91 -4.72 22.41
C GLU A 114 19.88 -5.79 21.97
N MET A 115 19.36 -6.81 21.32
CA MET A 115 20.20 -7.87 20.81
C MET A 115 21.39 -7.23 20.13
N HIS A 116 21.17 -6.02 19.62
CA HIS A 116 22.21 -5.31 18.92
C HIS A 116 22.65 -3.99 19.56
N LYS A 117 23.12 -4.05 20.79
CA LYS A 117 23.61 -2.85 21.46
C LYS A 117 25.05 -2.69 21.01
N ASN A 118 25.60 -3.78 20.50
CA ASN A 118 26.96 -3.82 19.98
C ASN A 118 26.88 -3.41 18.51
N ASN A 119 27.92 -2.75 18.01
CA ASN A 119 27.91 -2.31 16.62
C ASN A 119 29.11 -2.84 15.83
N ALA A 122 27.47 1.59 12.80
CA ALA A 122 26.84 2.34 11.70
C ALA A 122 26.04 3.50 12.26
N LEU A 123 25.36 3.27 13.38
CA LEU A 123 24.55 4.30 14.00
C LEU A 123 24.33 4.05 15.48
N PRO A 124 23.91 5.10 16.21
CA PRO A 124 23.67 4.97 17.64
C PRO A 124 22.47 4.03 17.85
N ALA A 125 22.76 2.75 18.01
CA ALA A 125 21.77 1.69 18.22
C ALA A 125 20.28 2.06 18.22
N ASP A 126 19.82 2.66 19.32
CA ASP A 126 18.42 3.03 19.47
C ASP A 126 17.85 4.00 18.42
N SER A 127 18.70 4.77 17.76
CA SER A 127 18.24 5.71 16.74
C SER A 127 17.69 4.98 15.49
N VAL A 128 17.75 3.66 15.50
CA VAL A 128 17.28 2.87 14.38
C VAL A 128 16.08 1.98 14.70
N ASN A 129 14.96 2.26 14.03
CA ASN A 129 13.73 1.49 14.21
C ASN A 129 13.45 0.62 12.99
N ILE A 130 12.81 -0.51 13.23
CA ILE A 130 12.47 -1.40 12.13
C ILE A 130 11.05 -1.87 12.24
N LYS A 131 10.44 -2.12 11.09
CA LYS A 131 9.06 -2.59 11.03
C LYS A 131 9.05 -3.67 9.93
N ILE A 132 8.71 -4.89 10.29
CA ILE A 132 8.69 -6.02 9.35
C ILE A 132 7.30 -6.64 9.34
N LEU A 133 6.58 -6.46 8.23
CA LEU A 133 5.21 -6.96 8.11
C LEU A 133 5.04 -7.86 6.91
N ASN A 134 4.04 -8.73 6.96
CA ASN A 134 3.80 -9.68 5.87
C ASN A 134 3.35 -8.93 4.61
N ALA A 135 3.90 -9.35 3.48
CA ALA A 135 3.60 -8.74 2.19
C ALA A 135 2.12 -8.87 1.80
N GLY A 136 1.61 -10.10 1.84
CA GLY A 136 0.24 -10.32 1.47
C GLY A 136 -0.79 -9.35 2.02
N ALA A 137 -0.54 -8.83 3.22
CA ALA A 137 -1.50 -7.93 3.81
C ALA A 137 -1.12 -6.44 3.85
N TRP A 138 0.18 -6.14 3.77
CA TRP A 138 0.61 -4.75 3.84
C TRP A 138 1.05 -4.16 2.52
N SER A 139 1.24 -5.01 1.52
CA SER A 139 1.61 -4.54 0.21
C SER A 139 0.32 -4.26 -0.56
N ARG A 140 0.27 -3.11 -1.20
CA ARG A 140 -0.90 -2.73 -1.96
C ARG A 140 -0.53 -2.58 -3.42
N SER A 141 0.76 -2.48 -3.69
CA SER A 141 1.22 -2.31 -5.04
C SER A 141 2.09 -3.47 -5.50
N SER A 142 2.05 -3.74 -6.79
CA SER A 142 2.85 -4.80 -7.41
C SER A 142 4.11 -4.11 -7.91
N GLU A 143 4.05 -2.78 -7.95
CA GLU A 143 5.17 -1.97 -8.39
C GLU A 143 6.17 -1.83 -7.26
N LYS A 144 7.44 -1.92 -7.60
CA LYS A 144 8.50 -1.80 -6.62
C LYS A 144 9.27 -0.56 -6.99
N VAL A 145 9.52 0.29 -6.00
CA VAL A 145 10.27 1.51 -6.24
C VAL A 145 11.65 1.26 -5.67
N PHE A 146 12.63 1.27 -6.55
CA PHE A 146 13.99 1.01 -6.14
C PHE A 146 14.74 2.29 -5.78
N VAL A 147 15.67 2.16 -4.85
CA VAL A 147 16.52 3.27 -4.45
C VAL A 147 17.83 2.68 -3.96
N SER A 148 18.93 3.27 -4.41
CA SER A 148 20.25 2.86 -3.98
C SER A 148 20.51 3.68 -2.74
N LEU A 149 20.64 3.03 -1.60
CA LEU A 149 20.89 3.73 -0.33
C LEU A 149 22.35 4.06 -0.13
N PRO A 150 22.63 5.19 0.55
CA PRO A 150 24.01 5.61 0.83
C PRO A 150 24.62 4.59 1.81
N THR A 151 25.89 4.26 1.61
CA THR A 151 26.55 3.29 2.48
C THR A 151 26.13 3.44 3.94
N GLU A 152 26.02 4.67 4.42
CA GLU A 152 25.64 4.94 5.81
C GLU A 152 24.34 4.30 6.28
N LEU A 153 23.59 3.71 5.35
CA LEU A 153 22.33 3.05 5.69
C LEU A 153 22.29 1.63 5.12
N GLU A 154 23.12 1.36 4.11
CA GLU A 154 23.16 0.04 3.51
C GLU A 154 23.85 -0.99 4.43
N ASP A 155 24.69 -0.53 5.34
CA ASP A 155 25.39 -1.43 6.25
C ASP A 155 24.44 -1.98 7.29
N LEU A 156 23.23 -1.43 7.31
CA LEU A 156 22.22 -1.87 8.24
C LEU A 156 21.45 -3.03 7.63
N ILE A 157 21.17 -2.93 6.32
CA ILE A 157 20.43 -3.99 5.63
C ILE A 157 20.86 -5.41 6.02
N PRO A 158 22.16 -5.73 5.91
CA PRO A 158 22.66 -7.07 6.26
C PRO A 158 22.52 -7.39 7.74
N GLU A 159 22.52 -6.37 8.56
CA GLU A 159 22.38 -6.57 9.99
C GLU A 159 20.98 -7.08 10.22
N VAL A 160 20.00 -6.26 9.88
CA VAL A 160 18.59 -6.60 10.05
C VAL A 160 18.25 -7.91 9.40
N GLU A 161 18.92 -8.21 8.30
CA GLU A 161 18.65 -9.46 7.60
C GLU A 161 19.04 -10.70 8.39
N GLU A 162 20.25 -10.74 8.94
CA GLU A 162 20.65 -11.93 9.68
C GLU A 162 19.74 -12.15 10.88
N PHE A 163 19.48 -11.08 11.61
CA PHE A 163 18.61 -11.12 12.79
C PHE A 163 17.25 -11.75 12.48
N TYR A 164 16.73 -11.47 11.30
CA TYR A 164 15.42 -12.01 10.91
C TYR A 164 15.44 -13.50 10.61
N LYS A 165 16.52 -14.00 10.04
CA LYS A 165 16.62 -15.42 9.71
C LYS A 165 16.60 -16.34 10.93
N LYS A 166 17.51 -16.12 11.87
CA LYS A 166 17.58 -16.96 13.06
C LYS A 166 16.32 -16.84 13.93
N ASN A 167 15.39 -16.02 13.48
CA ASN A 167 14.12 -15.82 14.17
C ASN A 167 13.04 -16.56 13.37
N HIS A 168 13.12 -16.40 12.06
CA HIS A 168 12.16 -17.01 11.15
C HIS A 168 12.89 -17.45 9.91
N SER A 169 12.88 -18.76 9.67
CA SER A 169 13.54 -19.35 8.53
C SER A 169 12.63 -19.40 7.29
N GLY A 170 13.24 -19.64 6.14
CA GLY A 170 12.48 -19.74 4.92
C GLY A 170 11.73 -18.49 4.53
N ARG A 171 12.22 -17.34 5.00
CA ARG A 171 11.56 -16.07 4.70
C ARG A 171 12.49 -15.15 3.91
N LYS A 172 11.91 -14.15 3.25
CA LYS A 172 12.67 -13.19 2.47
C LYS A 172 12.11 -11.77 2.69
N LEU A 173 13.01 -10.83 2.96
CA LEU A 173 12.60 -9.45 3.17
C LEU A 173 12.67 -8.65 1.88
N HIS A 174 11.64 -7.83 1.63
CA HIS A 174 11.59 -6.96 0.46
C HIS A 174 11.51 -5.52 1.02
N TRP A 175 12.56 -4.73 0.82
CA TRP A 175 12.59 -3.36 1.34
C TRP A 175 11.66 -2.41 0.64
N HIS A 176 10.81 -1.80 1.46
CA HIS A 176 9.78 -0.87 1.02
C HIS A 176 10.26 0.54 1.42
N HIS A 177 11.37 0.96 0.81
CA HIS A 177 11.96 2.25 1.13
C HIS A 177 11.06 3.47 0.96
N LEU A 178 10.09 3.36 0.06
CA LEU A 178 9.14 4.42 -0.17
C LEU A 178 8.45 4.75 1.13
N MET A 179 8.37 3.77 2.02
CA MET A 179 7.72 3.96 3.31
C MET A 179 8.72 4.12 4.44
N SER A 180 9.96 4.43 4.07
CA SER A 180 11.01 4.63 5.05
C SER A 180 11.36 6.12 5.15
N ASN A 181 11.58 6.58 6.36
CA ASN A 181 11.96 7.96 6.60
C ASN A 181 12.85 8.08 7.82
N GLY A 182 13.23 9.31 8.14
CA GLY A 182 14.09 9.51 9.27
C GLY A 182 14.48 10.95 9.47
N ILE A 183 15.44 11.15 10.36
CA ILE A 183 15.93 12.47 10.65
C ILE A 183 17.43 12.59 10.33
N ILE A 184 17.80 13.69 9.70
CA ILE A 184 19.21 13.87 9.37
C ILE A 184 19.66 15.24 9.82
N THR A 185 20.97 15.37 9.98
CA THR A 185 21.57 16.64 10.37
C THR A 185 22.15 17.31 9.14
N PHE A 186 21.69 18.51 8.87
CA PHE A 186 22.15 19.28 7.73
C PHE A 186 23.04 20.37 8.29
N LYS A 187 24.33 20.25 8.03
CA LYS A 187 25.30 21.22 8.53
C LYS A 187 25.58 22.29 7.44
N ASN A 188 24.86 23.39 7.58
CA ASN A 188 24.92 24.53 6.68
C ASN A 188 26.22 25.26 6.86
N GLU A 189 26.13 26.58 6.70
CA GLU A 189 27.25 27.49 6.80
C GLU A 189 26.64 28.67 7.55
N VAL A 190 25.43 28.43 8.04
CA VAL A 190 24.63 29.39 8.79
C VAL A 190 24.26 28.69 10.10
N GLY A 191 24.22 27.37 10.03
CA GLY A 191 23.89 26.60 11.22
C GLY A 191 23.80 25.11 10.94
N GLN A 192 23.06 24.39 11.77
CA GLN A 192 22.88 22.95 11.57
C GLN A 192 21.48 22.63 11.97
N TYR A 193 20.79 21.85 11.14
CA TYR A 193 19.41 21.54 11.43
C TYR A 193 19.06 20.07 11.33
N ASP A 194 17.93 19.70 11.92
CA ASP A 194 17.47 18.33 11.86
C ASP A 194 16.27 18.34 10.94
N LEU A 195 16.42 17.65 9.81
CA LEU A 195 15.36 17.57 8.82
C LEU A 195 14.69 16.20 8.85
N GLU A 196 13.38 16.20 9.05
CA GLU A 196 12.61 14.97 9.06
C GLU A 196 12.43 14.68 7.57
N VAL A 197 13.21 13.74 7.04
CA VAL A 197 13.13 13.45 5.62
C VAL A 197 12.64 12.07 5.25
N THR A 198 12.34 11.93 3.96
CA THR A 198 11.85 10.68 3.41
C THR A 198 13.13 9.97 2.99
N THR A 199 13.14 8.63 3.01
CA THR A 199 14.36 7.91 2.64
C THR A 199 14.83 8.27 1.23
N PHE A 200 13.91 8.56 0.32
CA PHE A 200 14.28 8.95 -1.02
C PHE A 200 14.90 10.35 -0.98
N GLN A 201 14.39 11.20 -0.10
CA GLN A 201 14.94 12.55 0.03
C GLN A 201 16.35 12.35 0.55
N LEU A 202 16.46 11.52 1.56
CA LEU A 202 17.73 11.19 2.19
C LEU A 202 18.74 10.85 1.08
N ALA A 203 18.45 9.79 0.33
CA ALA A 203 19.34 9.36 -0.74
C ALA A 203 19.73 10.52 -1.64
N VAL A 204 18.74 11.35 -2.00
CA VAL A 204 19.03 12.50 -2.84
C VAL A 204 20.03 13.46 -2.20
N LEU A 205 19.75 13.93 -0.99
CA LEU A 205 20.67 14.85 -0.33
C LEU A 205 22.07 14.29 -0.09
N PHE A 206 22.17 13.03 0.34
CA PHE A 206 23.48 12.43 0.60
C PHE A 206 24.37 12.37 -0.64
N ALA A 207 23.81 12.69 -1.80
CA ALA A 207 24.59 12.70 -3.04
C ALA A 207 25.68 13.78 -3.04
N TRP A 208 25.51 14.80 -2.18
CA TRP A 208 26.45 15.92 -2.09
C TRP A 208 27.48 15.77 -0.97
N ASN A 209 27.42 14.66 -0.25
CA ASN A 209 28.34 14.48 0.89
C ASN A 209 29.85 14.56 0.67
N GLN A 210 30.34 14.18 -0.50
CA GLN A 210 31.78 14.27 -0.72
C GLN A 210 32.03 15.34 -1.79
N ARG A 211 31.06 16.26 -1.87
CA ARG A 211 31.08 17.34 -2.84
C ARG A 211 29.98 18.33 -2.46
N PRO A 212 30.09 18.94 -1.27
CA PRO A 212 29.13 19.91 -0.74
C PRO A 212 28.78 21.10 -1.61
N ARG A 213 29.76 21.74 -2.24
CA ARG A 213 29.45 22.90 -3.06
C ARG A 213 29.36 22.64 -4.54
N GLU A 214 29.33 21.37 -4.92
CA GLU A 214 29.25 20.98 -6.32
C GLU A 214 27.81 21.01 -6.82
N LYS A 215 27.64 21.30 -8.11
CA LYS A 215 26.32 21.31 -8.73
C LYS A 215 26.22 19.95 -9.42
N ILE A 216 25.07 19.32 -9.32
CA ILE A 216 24.90 18.02 -9.94
C ILE A 216 23.68 18.06 -10.84
N SER A 217 23.74 17.42 -11.99
CA SER A 217 22.60 17.41 -12.91
C SER A 217 21.54 16.41 -12.50
N PHE A 218 20.35 16.57 -13.09
CA PHE A 218 19.21 15.67 -12.83
C PHE A 218 19.66 14.27 -13.18
N GLU A 219 20.17 14.13 -14.40
CA GLU A 219 20.64 12.86 -14.93
C GLU A 219 21.66 12.18 -14.00
N ASN A 220 22.59 12.97 -13.45
CA ASN A 220 23.58 12.40 -12.57
C ASN A 220 22.98 12.03 -11.22
N LEU A 221 21.95 12.76 -10.81
CA LEU A 221 21.27 12.44 -9.56
C LEU A 221 20.53 11.12 -9.78
N LYS A 222 19.98 10.95 -10.98
CA LYS A 222 19.27 9.73 -11.31
C LYS A 222 20.22 8.54 -11.26
N LEU A 223 21.48 8.77 -11.60
CA LEU A 223 22.48 7.70 -11.56
C LEU A 223 22.92 7.35 -10.15
N ALA A 224 23.12 8.38 -9.33
CA ALA A 224 23.58 8.19 -7.96
C ALA A 224 22.50 7.72 -7.01
N THR A 225 21.27 8.02 -7.36
CA THR A 225 20.12 7.71 -6.54
C THR A 225 19.42 6.43 -7.03
N GLU A 226 19.41 6.24 -8.34
CA GLU A 226 18.76 5.09 -8.96
C GLU A 226 17.25 5.08 -8.75
N LEU A 227 16.68 6.25 -8.57
CA LEU A 227 15.25 6.35 -8.39
C LEU A 227 14.57 6.42 -9.76
N PRO A 228 13.33 5.94 -9.84
CA PRO A 228 12.68 6.04 -11.15
C PRO A 228 12.38 7.52 -11.36
N ASP A 229 12.43 7.96 -12.61
CA ASP A 229 12.21 9.34 -12.98
C ASP A 229 11.09 10.05 -12.24
N ALA A 230 9.90 9.44 -12.23
CA ALA A 230 8.74 10.03 -11.57
C ALA A 230 9.03 10.35 -10.11
N GLU A 231 9.53 9.37 -9.36
CA GLU A 231 9.84 9.58 -7.95
C GLU A 231 10.93 10.62 -7.74
N LEU A 232 11.97 10.54 -8.56
CA LEU A 232 13.09 11.48 -8.48
C LEU A 232 12.61 12.91 -8.70
N ARG A 233 11.69 13.07 -9.65
CA ARG A 233 11.17 14.39 -9.95
C ARG A 233 10.45 14.99 -8.77
N ARG A 234 9.54 14.24 -8.15
CA ARG A 234 8.81 14.83 -7.02
C ARG A 234 9.66 14.94 -5.77
N THR A 235 10.64 14.05 -5.62
CA THR A 235 11.51 14.13 -4.46
C THR A 235 12.31 15.42 -4.59
N LEU A 236 12.95 15.61 -5.74
CA LEU A 236 13.73 16.83 -5.96
C LEU A 236 12.86 18.08 -5.79
N TRP A 237 11.62 18.01 -6.26
CA TRP A 237 10.71 19.15 -6.16
C TRP A 237 10.43 19.53 -4.71
N SER A 238 10.35 18.53 -3.85
CA SER A 238 10.10 18.79 -2.43
C SER A 238 11.34 19.41 -1.77
N LEU A 239 12.49 19.36 -2.43
CA LEU A 239 13.68 19.92 -1.83
C LEU A 239 14.05 21.31 -2.39
N VAL A 240 13.55 21.63 -3.57
CA VAL A 240 13.83 22.93 -4.16
C VAL A 240 12.58 23.78 -4.15
N ALA A 241 11.46 23.18 -3.75
CA ALA A 241 10.21 23.90 -3.70
C ALA A 241 9.25 23.45 -2.59
N PHE A 242 9.73 23.35 -1.36
CA PHE A 242 8.85 22.98 -0.27
C PHE A 242 7.98 24.20 0.01
N PRO A 243 6.67 24.08 -0.26
CA PRO A 243 5.64 25.11 -0.10
C PRO A 243 5.66 25.99 1.15
N LYS A 244 5.49 27.30 0.93
CA LYS A 244 5.44 28.28 2.01
C LYS A 244 6.79 28.58 2.66
N LEU A 245 7.74 27.68 2.54
CA LEU A 245 9.06 27.88 3.14
C LEU A 245 9.71 29.11 2.52
N LYS A 246 10.49 29.85 3.31
CA LYS A 246 11.14 31.04 2.76
C LYS A 246 12.53 30.76 2.23
N ARG A 247 13.09 29.61 2.60
CA ARG A 247 14.41 29.25 2.12
C ARG A 247 14.49 27.75 1.89
N GLN A 248 14.78 27.38 0.64
CA GLN A 248 14.86 25.99 0.24
C GLN A 248 16.21 25.36 0.56
N VAL A 249 16.18 24.09 0.93
CA VAL A 249 17.38 23.34 1.24
C VAL A 249 18.28 23.18 0.00
N LEU A 250 17.64 22.98 -1.16
CA LEU A 250 18.36 22.80 -2.40
C LEU A 250 17.99 23.88 -3.41
N LEU A 251 18.92 24.15 -4.32
CA LEU A 251 18.73 25.15 -5.37
C LEU A 251 18.90 24.46 -6.73
N TYR A 252 18.16 24.89 -7.74
CA TYR A 252 18.29 24.26 -9.04
C TYR A 252 18.51 25.27 -10.14
N GLU A 253 18.87 24.78 -11.33
CA GLU A 253 19.16 25.63 -12.46
C GLU A 253 18.01 26.23 -13.25
N PRO A 254 17.85 25.90 -14.54
CA PRO A 254 16.69 26.60 -15.11
C PRO A 254 15.44 26.45 -14.25
N GLN A 255 14.90 27.59 -13.82
CA GLN A 255 13.71 27.64 -12.98
C GLN A 255 12.51 27.09 -13.72
N VAL A 256 11.56 26.55 -12.96
CA VAL A 256 10.36 25.97 -13.54
C VAL A 256 9.21 26.13 -12.53
N ASN A 257 8.01 25.70 -12.91
CA ASN A 257 6.86 25.77 -12.02
C ASN A 257 6.26 24.38 -11.89
N SER A 258 6.99 23.39 -12.39
CA SER A 258 6.53 22.01 -12.33
C SER A 258 7.70 21.06 -12.52
N PRO A 259 7.75 19.96 -11.74
CA PRO A 259 8.83 18.99 -11.85
C PRO A 259 8.82 18.33 -13.21
N LYS A 260 7.78 18.60 -13.99
CA LYS A 260 7.67 18.04 -15.33
C LYS A 260 8.69 18.72 -16.24
N ASP A 261 8.97 20.00 -15.96
CA ASP A 261 9.89 20.76 -16.79
C ASP A 261 11.38 20.53 -16.56
N PHE A 262 11.73 19.69 -15.60
CA PHE A 262 13.15 19.39 -15.36
C PHE A 262 13.63 18.60 -16.58
N THR A 263 14.88 18.79 -16.98
CA THR A 263 15.43 18.04 -18.10
C THR A 263 16.77 17.51 -17.64
N GLU A 264 17.37 16.63 -18.44
CA GLU A 264 18.67 16.04 -18.11
C GLU A 264 19.69 17.03 -17.58
N GLY A 265 19.71 18.23 -18.16
CA GLY A 265 20.67 19.26 -17.78
C GLY A 265 20.40 20.16 -16.59
N THR A 266 19.21 20.10 -15.99
CA THR A 266 18.91 20.92 -14.83
C THR A 266 19.95 20.63 -13.74
N LEU A 267 20.53 21.67 -13.18
CA LEU A 267 21.54 21.50 -12.15
C LEU A 267 21.02 21.81 -10.76
N PHE A 268 21.43 20.98 -9.81
CA PHE A 268 21.03 21.15 -8.42
C PHE A 268 22.23 21.38 -7.49
N SER A 269 22.01 22.19 -6.46
CA SER A 269 23.08 22.46 -5.51
C SER A 269 22.52 22.65 -4.13
N VAL A 270 23.37 22.41 -3.14
CA VAL A 270 22.97 22.57 -1.76
C VAL A 270 23.07 24.06 -1.44
N ASN A 271 21.97 24.62 -0.93
CA ASN A 271 21.93 26.03 -0.57
C ASN A 271 22.71 26.25 0.72
N GLN A 272 23.92 26.78 0.61
CA GLN A 272 24.77 27.01 1.78
C GLN A 272 24.27 28.09 2.72
N GLU A 273 23.07 28.60 2.46
CA GLU A 273 22.50 29.65 3.29
C GLU A 273 21.14 29.25 3.79
N PHE A 274 20.88 27.95 3.80
CA PHE A 274 19.60 27.48 4.28
C PHE A 274 19.54 27.78 5.78
N SER A 275 18.33 28.01 6.27
CA SER A 275 18.11 28.28 7.68
C SER A 275 16.62 28.38 7.93
N LEU A 276 16.24 28.18 9.18
CA LEU A 276 14.85 28.30 9.53
C LEU A 276 14.73 29.75 9.96
N ILE A 277 13.57 30.33 9.77
CA ILE A 277 13.38 31.70 10.16
C ILE A 277 12.28 31.78 11.20
N LYS A 278 12.68 31.72 12.47
CA LYS A 278 11.76 31.82 13.60
C LYS A 278 11.87 33.21 14.22
N ASN A 279 10.88 34.06 13.95
CA ASN A 279 10.83 35.45 14.43
C ASN A 279 11.51 36.41 13.46
N ALA A 280 11.29 36.19 12.16
CA ALA A 280 11.88 37.04 11.12
C ALA A 280 13.40 37.09 11.21
N LYS A 281 13.97 36.34 12.15
CA LYS A 281 15.42 36.30 12.34
C LYS A 281 16.01 34.94 12.01
N VAL A 282 17.08 34.94 11.21
CA VAL A 282 17.72 33.68 10.87
C VAL A 282 17.90 32.89 12.17
N GLN A 283 17.77 31.57 12.07
CA GLN A 283 17.95 30.70 13.24
C GLN A 283 19.11 29.78 12.95
N LYS A 284 20.14 29.82 13.78
CA LYS A 284 21.29 28.97 13.56
C LYS A 284 20.99 27.50 13.88
N ARG A 285 19.86 27.27 14.55
CA ARG A 285 19.49 25.91 14.92
C ARG A 285 18.00 25.69 14.76
N GLY A 286 17.59 24.43 14.62
CA GLY A 286 16.18 24.14 14.46
C GLY A 286 15.85 22.78 13.90
N LYS A 287 14.55 22.54 13.68
CA LYS A 287 14.07 21.26 13.17
C LYS A 287 12.87 21.43 12.23
N ILE A 288 12.89 20.76 11.08
CA ILE A 288 11.77 20.83 10.13
C ILE A 288 11.44 19.49 9.45
N ASN A 289 10.16 19.29 9.17
CA ASN A 289 9.68 18.06 8.52
C ASN A 289 9.40 18.32 7.05
N LEU A 290 10.27 17.85 6.18
CA LEU A 290 10.10 18.06 4.74
C LEU A 290 9.46 16.89 4.01
N ILE A 291 8.86 15.96 4.74
CA ILE A 291 8.22 14.83 4.09
C ILE A 291 7.00 15.28 3.29
N GLY A 292 6.19 16.15 3.87
CA GLY A 292 5.03 16.64 3.16
C GLY A 292 4.03 15.56 2.84
N ARG A 293 3.63 15.47 1.57
CA ARG A 293 2.66 14.47 1.15
C ARG A 293 3.37 13.38 0.34
N LEU A 294 4.69 13.33 0.48
CA LEU A 294 5.48 12.35 -0.26
C LEU A 294 5.16 10.91 0.07
N GLN A 295 4.65 10.63 1.26
CA GLN A 295 4.34 9.25 1.60
C GLN A 295 2.84 8.95 1.66
N LEU A 296 2.04 9.84 1.09
CA LEU A 296 0.60 9.66 1.08
C LEU A 296 0.17 9.19 -0.29
N THR A 297 -1.11 8.89 -0.42
CA THR A 297 -1.69 8.38 -1.66
C THR A 297 -1.39 9.18 -2.92
N THR A 298 -1.07 8.48 -4.01
CA THR A 298 -0.79 9.13 -5.30
C THR A 298 -1.87 8.75 -6.30
N GLU A 299 -1.97 9.49 -7.40
CA GLU A 299 -2.97 9.21 -8.43
C GLU A 299 -2.84 7.76 -8.89
N ARG A 300 -1.59 7.31 -9.05
CA ARG A 300 -1.30 5.95 -9.51
C ARG A 300 -1.86 4.89 -8.57
N MET A 301 -1.66 5.10 -7.28
CA MET A 301 -2.14 4.17 -6.29
C MET A 301 -3.66 4.05 -6.32
N ARG A 302 -4.30 5.14 -6.74
CA ARG A 302 -5.76 5.17 -6.83
C ARG A 302 -6.25 4.27 -7.97
N GLU A 303 -5.62 4.39 -9.13
CA GLU A 303 -5.98 3.58 -10.27
C GLU A 303 -5.76 2.12 -9.89
N GLU A 304 -4.75 1.87 -9.04
CA GLU A 304 -4.45 0.53 -8.58
C GLU A 304 -5.58 -0.01 -7.72
N GLU A 305 -6.03 0.84 -6.79
CA GLU A 305 -7.10 0.47 -5.89
C GLU A 305 -8.38 0.19 -6.65
N ASN A 306 -8.68 1.01 -7.65
CA ASN A 306 -9.89 0.81 -8.44
C ASN A 306 -9.79 -0.47 -9.27
N GLU A 307 -8.61 -0.73 -9.82
CA GLU A 307 -8.44 -1.95 -10.60
C GLU A 307 -8.77 -3.13 -9.66
N GLY A 308 -8.38 -3.00 -8.39
CA GLY A 308 -8.63 -4.07 -7.45
C GLY A 308 -10.11 -4.25 -7.16
N ILE A 309 -10.83 -3.15 -7.07
CA ILE A 309 -12.25 -3.19 -6.80
C ILE A 309 -12.98 -3.83 -7.98
N VAL A 310 -12.46 -3.57 -9.17
CA VAL A 310 -13.02 -4.12 -10.40
C VAL A 310 -12.74 -5.62 -10.53
N GLN A 311 -11.55 -6.05 -10.11
CA GLN A 311 -11.20 -7.47 -10.18
C GLN A 311 -12.13 -8.29 -9.33
N LEU A 312 -12.29 -7.85 -8.09
CA LEU A 312 -13.13 -8.56 -7.12
C LEU A 312 -14.60 -8.54 -7.55
N ARG A 313 -15.03 -7.42 -8.12
CA ARG A 313 -16.40 -7.30 -8.56
C ARG A 313 -16.68 -8.40 -9.55
N ILE A 314 -15.97 -8.36 -10.68
CA ILE A 314 -16.13 -9.36 -11.72
C ILE A 314 -16.16 -10.78 -11.16
N LEU A 315 -15.16 -11.12 -10.35
CA LEU A 315 -15.08 -12.44 -9.75
C LEU A 315 -16.31 -12.76 -8.90
N ARG A 316 -16.71 -11.82 -8.04
CA ARG A 316 -17.87 -12.00 -7.16
C ARG A 316 -19.20 -12.03 -7.91
N THR A 317 -19.23 -11.45 -9.12
CA THR A 317 -20.44 -11.45 -9.94
C THR A 317 -20.51 -12.76 -10.69
N GLN A 318 -19.35 -13.31 -11.04
CA GLN A 318 -19.34 -14.58 -11.76
C GLN A 318 -19.78 -15.71 -10.85
N GLU A 319 -19.31 -15.66 -9.62
CA GLU A 319 -19.63 -16.68 -8.64
C GLU A 319 -21.11 -16.62 -8.26
N ALA A 320 -21.61 -15.41 -8.10
CA ALA A 320 -23.02 -15.22 -7.73
C ALA A 320 -23.95 -15.70 -8.81
N ILE A 321 -23.61 -15.43 -10.07
CA ILE A 321 -24.46 -15.84 -11.16
C ILE A 321 -24.52 -17.36 -11.27
N ILE A 322 -23.36 -18.00 -11.25
CA ILE A 322 -23.30 -19.45 -11.32
C ILE A 322 -24.14 -20.03 -10.18
N GLN A 323 -23.86 -19.58 -8.96
CA GLN A 323 -24.58 -20.03 -7.77
C GLN A 323 -26.10 -19.99 -7.96
N ILE A 324 -26.62 -18.85 -8.40
CA ILE A 324 -28.05 -18.71 -8.62
C ILE A 324 -28.48 -19.70 -9.69
N MET A 325 -27.57 -19.95 -10.62
CA MET A 325 -27.82 -20.86 -11.73
C MET A 325 -27.73 -22.33 -11.27
N LYS A 326 -26.83 -22.59 -10.35
CA LYS A 326 -26.65 -23.94 -9.84
C LYS A 326 -27.83 -24.32 -8.94
N MET A 327 -28.78 -23.40 -8.81
CA MET A 327 -29.97 -23.61 -7.98
C MET A 327 -31.22 -23.72 -8.86
N ARG A 328 -31.52 -22.67 -9.62
CA ARG A 328 -32.62 -22.69 -10.58
C ARG A 328 -31.82 -23.28 -11.72
N LYS A 329 -32.41 -24.07 -12.59
CA LYS A 329 -31.58 -24.56 -13.67
C LYS A 329 -31.89 -23.72 -14.90
N LYS A 330 -32.99 -22.97 -14.77
CA LYS A 330 -33.49 -22.11 -15.84
C LYS A 330 -34.07 -20.84 -15.21
N ILE A 331 -33.59 -19.68 -15.65
CA ILE A 331 -34.09 -18.42 -15.10
C ILE A 331 -34.13 -17.27 -16.10
N SER A 332 -35.06 -16.35 -15.91
CA SER A 332 -35.20 -15.21 -16.80
C SER A 332 -34.23 -14.09 -16.43
N ASN A 333 -33.77 -13.34 -17.42
CA ASN A 333 -32.84 -12.25 -17.16
C ASN A 333 -33.37 -11.39 -16.02
N ALA A 334 -34.59 -10.91 -16.16
CA ALA A 334 -35.19 -10.08 -15.12
C ALA A 334 -34.94 -10.67 -13.73
N GLN A 335 -35.42 -11.89 -13.53
CA GLN A 335 -35.28 -12.60 -12.28
C GLN A 335 -33.82 -12.73 -11.79
N LEU A 336 -32.89 -12.94 -12.71
CA LEU A 336 -31.46 -13.12 -12.38
C LEU A 336 -30.85 -11.86 -11.84
N GLN A 337 -31.16 -10.78 -12.50
CA GLN A 337 -30.64 -9.50 -12.07
C GLN A 337 -31.03 -9.20 -10.62
N THR A 338 -32.33 -9.34 -10.32
CA THR A 338 -32.82 -9.01 -8.99
C THR A 338 -32.37 -9.91 -7.84
N GLU A 339 -32.28 -11.23 -8.01
CA GLU A 339 -31.83 -12.00 -6.85
C GLU A 339 -30.31 -12.08 -6.79
N LEU A 340 -29.69 -11.48 -7.79
CA LEU A 340 -28.25 -11.37 -7.89
C LEU A 340 -27.87 -10.08 -7.16
N VAL A 341 -28.72 -9.07 -7.28
CA VAL A 341 -28.48 -7.82 -6.61
C VAL A 341 -28.49 -8.10 -5.13
N GLU A 342 -29.33 -9.04 -4.71
CA GLU A 342 -29.46 -9.40 -3.30
C GLU A 342 -28.22 -10.06 -2.68
N ILE A 343 -27.55 -10.94 -3.42
CA ILE A 343 -26.38 -11.59 -2.86
C ILE A 343 -25.21 -10.64 -2.73
N LEU A 344 -25.07 -9.72 -3.67
CA LEU A 344 -23.96 -8.76 -3.65
C LEU A 344 -24.36 -7.53 -2.86
N LYS A 345 -25.54 -7.63 -2.23
CA LYS A 345 -26.12 -6.57 -1.42
C LYS A 345 -25.12 -5.84 -0.52
N ASN A 346 -24.36 -6.60 0.26
CA ASN A 346 -23.40 -6.00 1.17
C ASN A 346 -22.00 -5.68 0.63
N MET A 347 -21.82 -5.74 -0.69
CA MET A 347 -20.53 -5.42 -1.30
C MET A 347 -20.66 -4.26 -2.29
N PHE A 348 -21.51 -4.43 -3.30
CA PHE A 348 -21.75 -3.38 -4.29
C PHE A 348 -23.02 -3.67 -5.09
N LEU A 349 -23.31 -2.84 -6.09
CA LEU A 349 -24.49 -3.02 -6.94
C LEU A 349 -24.10 -3.13 -8.41
N PRO A 350 -24.03 -4.36 -8.93
CA PRO A 350 -23.65 -4.52 -10.34
C PRO A 350 -24.59 -3.83 -11.31
N GLN A 351 -24.02 -3.13 -12.29
CA GLN A 351 -24.82 -2.44 -13.30
C GLN A 351 -25.12 -3.42 -14.42
N LYS A 352 -26.19 -3.13 -15.16
CA LYS A 352 -26.65 -3.98 -16.24
C LYS A 352 -25.58 -4.35 -17.23
N LYS A 353 -24.76 -3.37 -17.57
CA LYS A 353 -23.67 -3.54 -18.51
C LYS A 353 -22.70 -4.64 -18.05
N MET A 354 -22.22 -4.54 -16.81
CA MET A 354 -21.30 -5.54 -16.28
C MET A 354 -21.93 -6.94 -16.27
N ILE A 355 -23.18 -7.00 -15.85
CA ILE A 355 -23.90 -8.26 -15.77
C ILE A 355 -23.99 -8.92 -17.14
N LYS A 356 -24.30 -8.12 -18.16
CA LYS A 356 -24.42 -8.64 -19.52
C LYS A 356 -23.04 -9.13 -19.93
N GLU A 357 -22.01 -8.38 -19.57
CA GLU A 357 -20.65 -8.77 -19.90
C GLU A 357 -20.31 -10.11 -19.25
N GLN A 358 -20.65 -10.26 -17.99
CA GLN A 358 -20.35 -11.52 -17.31
C GLN A 358 -21.16 -12.67 -17.87
N ILE A 359 -22.47 -12.46 -17.95
CA ILE A 359 -23.38 -13.45 -18.49
C ILE A 359 -22.83 -13.88 -19.84
N GLU A 360 -22.48 -12.89 -20.65
CA GLU A 360 -21.92 -13.09 -21.99
C GLU A 360 -20.68 -13.97 -21.91
N TRP A 361 -19.80 -13.64 -20.96
CA TRP A 361 -18.56 -14.35 -20.71
C TRP A 361 -18.89 -15.78 -20.31
N LEU A 362 -19.96 -15.94 -19.53
CA LEU A 362 -20.36 -17.26 -19.07
C LEU A 362 -20.88 -18.15 -20.19
N ILE A 363 -21.58 -17.54 -21.16
CA ILE A 363 -22.13 -18.31 -22.27
C ILE A 363 -21.00 -18.87 -23.12
N GLU A 364 -20.08 -18.00 -23.52
CA GLU A 364 -18.97 -18.43 -24.35
C GLU A 364 -18.00 -19.35 -23.61
N HIS A 365 -18.09 -19.37 -22.29
CA HIS A 365 -17.20 -20.24 -21.52
C HIS A 365 -17.88 -21.57 -21.20
N LYS A 366 -19.08 -21.73 -21.76
CA LYS A 366 -19.88 -22.95 -21.63
C LYS A 366 -20.44 -23.30 -20.25
N TYR A 367 -20.70 -22.31 -19.41
CA TYR A 367 -21.28 -22.59 -18.09
C TYR A 367 -22.80 -22.43 -18.21
N ILE A 368 -23.25 -21.54 -19.10
CA ILE A 368 -24.69 -21.36 -19.33
C ILE A 368 -24.98 -21.23 -20.79
N ARG A 369 -26.24 -21.02 -21.14
CA ARG A 369 -26.68 -20.90 -22.51
C ARG A 369 -28.04 -20.27 -22.57
N ARG A 370 -28.26 -19.42 -23.57
CA ARG A 370 -29.53 -18.77 -23.74
C ARG A 370 -30.62 -19.79 -24.08
N ASP A 371 -31.88 -19.36 -23.99
CA ASP A 371 -33.00 -20.25 -24.29
C ASP A 371 -33.10 -20.47 -25.78
N GLU A 372 -33.64 -21.63 -26.15
CA GLU A 372 -33.80 -21.97 -27.54
C GLU A 372 -34.70 -20.90 -28.19
N SER A 373 -35.86 -20.67 -27.58
CA SER A 373 -36.80 -19.67 -28.09
C SER A 373 -37.05 -18.52 -27.13
N ASP A 374 -36.00 -17.74 -26.84
CA ASP A 374 -36.05 -16.57 -25.95
C ASP A 374 -34.64 -16.00 -25.85
N ILE A 375 -34.46 -14.75 -26.23
CA ILE A 375 -33.16 -14.09 -26.17
C ILE A 375 -32.74 -13.82 -24.72
N ASN A 376 -33.64 -14.09 -23.77
CA ASN A 376 -33.33 -13.88 -22.36
C ASN A 376 -33.15 -15.20 -21.63
N THR A 377 -34.15 -15.60 -20.85
CA THR A 377 -34.12 -16.85 -20.09
C THR A 377 -32.84 -17.66 -20.33
N PHE A 378 -32.07 -17.88 -19.27
CA PHE A 378 -30.83 -18.64 -19.39
C PHE A 378 -30.92 -20.03 -18.81
N ILE A 379 -30.18 -20.97 -19.40
CA ILE A 379 -30.21 -22.34 -18.94
C ILE A 379 -28.84 -22.81 -18.46
N TYR A 380 -28.82 -23.29 -17.22
CA TYR A 380 -27.59 -23.80 -16.64
C TYR A 380 -27.23 -25.04 -17.45
N MET A 381 -25.94 -25.21 -17.69
CA MET A 381 -25.45 -26.38 -18.39
C MET A 381 -24.03 -26.64 -17.95
N ALA A 382 -23.81 -27.82 -17.40
CA ALA A 382 -22.51 -28.22 -16.87
C ALA A 382 -22.36 -27.57 -15.50
N LYS B 17 32.56 13.83 9.46
CA LYS B 17 32.33 15.29 9.64
C LYS B 17 31.83 15.94 8.33
N LYS B 18 30.63 15.56 7.87
CA LYS B 18 30.11 16.15 6.64
C LYS B 18 28.87 17.02 6.81
N ARG B 19 28.26 17.40 5.69
CA ARG B 19 27.10 18.28 5.72
C ARG B 19 25.81 17.59 6.06
N PHE B 20 25.65 16.36 5.58
CA PHE B 20 24.44 15.59 5.84
C PHE B 20 24.81 14.33 6.62
N GLU B 21 24.10 14.12 7.73
CA GLU B 21 24.37 12.99 8.57
C GLU B 21 23.09 12.38 9.10
N VAL B 22 23.09 11.06 9.25
CA VAL B 22 21.93 10.34 9.76
C VAL B 22 21.86 10.41 11.29
N LYS B 23 20.78 10.98 11.81
CA LYS B 23 20.60 11.06 13.25
C LYS B 23 19.72 9.90 13.70
N LYS B 24 18.67 9.63 12.92
CA LYS B 24 17.72 8.55 13.22
C LYS B 24 17.11 7.98 11.94
N TRP B 25 16.74 6.70 11.93
CA TRP B 25 16.15 6.06 10.75
C TRP B 25 15.02 5.04 11.03
N ASN B 26 14.00 5.04 10.17
CA ASN B 26 12.89 4.10 10.28
C ASN B 26 12.78 3.30 8.99
N ALA B 27 13.38 2.11 8.98
CA ALA B 27 13.33 1.25 7.79
C ALA B 27 12.07 0.39 7.80
N VAL B 28 11.65 -0.07 6.64
CA VAL B 28 10.46 -0.91 6.54
C VAL B 28 10.65 -2.06 5.57
N ALA B 29 10.32 -3.26 6.01
CA ALA B 29 10.43 -4.41 5.14
C ALA B 29 9.15 -5.25 5.18
N LEU B 30 8.68 -5.68 4.03
CA LEU B 30 7.49 -6.53 3.96
C LEU B 30 8.00 -7.93 3.62
N TRP B 31 7.73 -8.91 4.48
CA TRP B 31 8.21 -10.27 4.25
C TRP B 31 7.31 -11.21 3.48
N ALA B 32 7.96 -12.15 2.80
CA ALA B 32 7.30 -13.17 1.99
C ALA B 32 8.03 -14.49 2.26
N TRP B 33 7.67 -15.54 1.52
CA TRP B 33 8.32 -16.83 1.72
C TRP B 33 9.54 -17.01 0.81
N ASP B 34 10.70 -17.11 1.46
CA ASP B 34 12.04 -17.22 0.84
C ASP B 34 12.27 -17.77 -0.57
N ILE B 35 12.20 -19.10 -0.73
CA ILE B 35 12.46 -19.75 -2.03
C ILE B 35 13.02 -18.81 -3.12
N VAL B 36 12.12 -18.31 -3.96
CA VAL B 36 12.46 -17.38 -5.04
C VAL B 36 11.09 -16.94 -5.57
N VAL B 37 11.04 -15.75 -6.18
CA VAL B 37 9.79 -15.25 -6.76
C VAL B 37 9.46 -16.22 -7.89
N ASP B 38 9.34 -17.50 -7.52
CA ASP B 38 9.09 -18.57 -8.49
C ASP B 38 7.62 -18.92 -8.70
N ASN B 39 7.39 -19.77 -9.69
CA ASN B 39 6.07 -20.23 -10.09
C ASN B 39 5.16 -20.77 -8.98
N CYS B 40 3.90 -20.92 -9.38
CA CYS B 40 2.85 -21.49 -8.55
C CYS B 40 3.34 -22.79 -7.94
N ALA B 41 2.83 -23.15 -6.76
CA ALA B 41 3.27 -24.37 -6.13
C ALA B 41 2.32 -25.53 -6.45
N ILE B 42 1.02 -25.26 -6.45
CA ILE B 42 0.01 -26.28 -6.76
C ILE B 42 0.30 -26.67 -8.19
N CYS B 43 0.15 -25.72 -9.09
CA CYS B 43 0.44 -25.94 -10.49
C CYS B 43 1.95 -25.79 -10.58
N ARG B 44 2.45 -24.95 -11.48
CA ARG B 44 3.89 -24.77 -11.56
C ARG B 44 4.40 -23.69 -12.51
N ASN B 45 3.50 -22.98 -13.18
CA ASN B 45 3.90 -21.91 -14.09
C ASN B 45 4.28 -20.70 -13.21
N HIS B 46 5.10 -19.79 -13.74
CA HIS B 46 5.50 -18.63 -12.95
C HIS B 46 4.30 -17.90 -12.39
N ILE B 47 4.36 -17.55 -11.11
CA ILE B 47 3.28 -16.86 -10.45
C ILE B 47 2.78 -15.66 -11.25
N MET B 48 3.65 -15.10 -12.08
CA MET B 48 3.29 -13.93 -12.89
C MET B 48 2.80 -14.30 -14.30
N ASP B 49 2.93 -15.57 -14.65
CA ASP B 49 2.51 -16.06 -15.96
C ASP B 49 1.24 -16.90 -15.89
N LEU B 50 0.74 -17.30 -17.05
CA LEU B 50 -0.48 -18.10 -17.14
C LEU B 50 -0.34 -19.41 -16.37
N CYS B 51 -1.46 -20.02 -16.02
CA CYS B 51 -1.43 -21.27 -15.28
C CYS B 51 -1.89 -22.50 -16.08
N ILE B 52 -1.52 -23.68 -15.60
CA ILE B 52 -1.85 -24.94 -16.25
C ILE B 52 -3.09 -24.92 -17.14
N GLU B 53 -4.15 -24.28 -16.68
CA GLU B 53 -5.39 -24.23 -17.45
C GLU B 53 -5.47 -23.11 -18.50
N CYS B 54 -4.98 -21.92 -18.18
CA CYS B 54 -5.02 -20.80 -19.12
C CYS B 54 -4.04 -21.01 -20.27
N GLN B 55 -2.76 -21.07 -19.92
CA GLN B 55 -1.70 -21.24 -20.91
C GLN B 55 -1.83 -22.48 -21.79
N ALA B 56 -2.85 -23.30 -21.53
CA ALA B 56 -3.09 -24.51 -22.31
C ALA B 56 -4.41 -24.40 -23.07
N ASN B 57 -5.44 -23.90 -22.40
CA ASN B 57 -6.76 -23.76 -23.01
C ASN B 57 -7.09 -22.32 -23.40
N GLN B 58 -6.06 -21.56 -23.77
CA GLN B 58 -6.24 -20.19 -24.19
C GLN B 58 -6.41 -20.25 -25.70
N ALA B 59 -6.99 -21.37 -26.16
CA ALA B 59 -7.22 -21.61 -27.58
C ALA B 59 -8.59 -21.11 -28.06
N SER B 60 -9.38 -20.58 -27.14
CA SER B 60 -10.71 -20.06 -27.47
C SER B 60 -11.35 -19.34 -26.29
N ALA B 61 -12.68 -19.25 -26.30
CA ALA B 61 -13.43 -18.60 -25.24
C ALA B 61 -13.04 -19.15 -23.87
N GLU B 65 -8.79 -14.79 -16.22
CA GLU B 65 -7.38 -14.46 -16.36
C GLU B 65 -6.56 -14.99 -15.18
N CYS B 66 -5.74 -16.02 -15.40
CA CYS B 66 -4.91 -16.61 -14.34
C CYS B 66 -4.20 -15.48 -13.55
N THR B 67 -4.80 -15.04 -12.45
CA THR B 67 -4.21 -14.00 -11.59
C THR B 67 -3.78 -14.61 -10.26
N VAL B 68 -3.30 -13.77 -9.34
CA VAL B 68 -2.85 -14.25 -8.04
C VAL B 68 -3.78 -14.03 -6.85
N ALA B 69 -3.62 -14.88 -5.84
CA ALA B 69 -4.41 -14.78 -4.64
C ALA B 69 -3.47 -15.09 -3.47
N TRP B 70 -3.70 -14.45 -2.34
CA TRP B 70 -2.86 -14.67 -1.18
C TRP B 70 -3.65 -15.31 -0.04
N GLY B 71 -2.92 -15.96 0.87
CA GLY B 71 -3.56 -16.57 2.02
C GLY B 71 -3.09 -15.81 3.24
N VAL B 72 -3.92 -15.77 4.28
CA VAL B 72 -3.53 -15.08 5.50
C VAL B 72 -2.16 -15.58 5.94
N CYS B 73 -1.76 -16.75 5.45
CA CYS B 73 -0.49 -17.37 5.80
C CYS B 73 0.67 -16.83 4.94
N ASN B 74 0.36 -15.80 4.16
CA ASN B 74 1.32 -15.13 3.29
C ASN B 74 1.84 -15.94 2.11
N HIS B 75 1.19 -17.06 1.83
CA HIS B 75 1.57 -17.90 0.71
C HIS B 75 0.73 -17.44 -0.49
N ALA B 76 1.32 -17.46 -1.68
CA ALA B 76 0.64 -17.01 -2.88
C ALA B 76 0.64 -18.02 -4.04
N PHE B 77 -0.52 -18.18 -4.68
CA PHE B 77 -0.64 -19.09 -5.82
C PHE B 77 -1.56 -18.44 -6.84
N HIS B 78 -1.76 -19.13 -7.97
CA HIS B 78 -2.67 -18.62 -8.96
C HIS B 78 -4.03 -18.88 -8.33
N PHE B 79 -4.94 -17.92 -8.44
CA PHE B 79 -6.26 -18.08 -7.86
C PHE B 79 -6.94 -19.33 -8.41
N HIS B 80 -6.69 -19.64 -9.67
CA HIS B 80 -7.31 -20.80 -10.29
C HIS B 80 -6.77 -22.11 -9.74
N CYS B 81 -5.51 -22.16 -9.31
CA CYS B 81 -4.94 -23.39 -8.81
C CYS B 81 -5.31 -23.66 -7.36
N ILE B 82 -5.30 -22.62 -6.54
CA ILE B 82 -5.64 -22.79 -5.13
C ILE B 82 -7.15 -22.97 -4.88
N SER B 83 -7.99 -22.53 -5.82
CA SER B 83 -9.43 -22.68 -5.71
C SER B 83 -9.81 -24.14 -5.93
N ARG B 84 -9.17 -24.75 -6.93
CA ARG B 84 -9.42 -26.15 -7.29
C ARG B 84 -8.97 -27.06 -6.16
N TRP B 85 -7.84 -26.71 -5.56
CA TRP B 85 -7.29 -27.49 -4.47
C TRP B 85 -8.14 -27.43 -3.21
N LEU B 86 -8.62 -26.23 -2.89
CA LEU B 86 -9.45 -26.01 -1.70
C LEU B 86 -10.69 -26.90 -1.65
N LYS B 87 -11.09 -27.44 -2.81
CA LYS B 87 -12.26 -28.30 -2.86
C LYS B 87 -11.99 -29.68 -2.27
N THR B 88 -10.73 -30.09 -2.20
CA THR B 88 -10.46 -31.39 -1.62
C THR B 88 -10.37 -31.11 -0.12
N ARG B 89 -9.65 -30.05 0.26
CA ARG B 89 -9.53 -29.63 1.66
C ARG B 89 -9.20 -28.15 1.72
N GLN B 90 -9.87 -27.46 2.62
CA GLN B 90 -9.72 -26.02 2.78
C GLN B 90 -8.47 -25.59 3.57
N VAL B 91 -7.31 -26.09 3.16
CA VAL B 91 -6.08 -25.73 3.84
C VAL B 91 -5.02 -25.31 2.84
N CYS B 92 -3.95 -24.68 3.33
CA CYS B 92 -2.86 -24.26 2.46
C CYS B 92 -2.03 -25.45 2.01
N PRO B 93 -1.77 -25.56 0.71
CA PRO B 93 -0.95 -26.66 0.18
C PRO B 93 0.43 -26.79 0.84
N LEU B 94 1.10 -25.67 1.10
CA LEU B 94 2.45 -25.68 1.69
C LEU B 94 2.51 -26.02 3.17
N ASP B 95 1.85 -25.24 4.03
CA ASP B 95 1.82 -25.60 5.43
C ASP B 95 0.49 -26.34 5.47
N ASN B 96 -0.15 -26.47 6.62
CA ASN B 96 -1.43 -27.15 6.62
C ASN B 96 -2.43 -26.45 7.51
N ARG B 97 -2.31 -25.13 7.56
CA ARG B 97 -3.22 -24.34 8.39
C ARG B 97 -4.49 -24.04 7.63
N GLU B 98 -5.58 -23.86 8.38
CA GLU B 98 -6.86 -23.53 7.76
C GLU B 98 -6.57 -22.42 6.77
N TRP B 99 -7.20 -22.50 5.60
CA TRP B 99 -6.97 -21.51 4.59
C TRP B 99 -7.92 -20.34 4.65
N GLU B 100 -7.40 -19.17 4.31
CA GLU B 100 -8.18 -17.95 4.28
C GLU B 100 -7.59 -16.96 3.31
N PHE B 101 -8.38 -16.60 2.30
CA PHE B 101 -7.89 -15.64 1.33
C PHE B 101 -7.58 -14.33 2.01
N GLN B 102 -6.38 -13.80 1.73
CA GLN B 102 -5.95 -12.54 2.29
C GLN B 102 -6.22 -11.45 1.26
N LYS B 103 -5.81 -11.73 0.02
CA LYS B 103 -5.97 -10.76 -1.06
C LYS B 103 -6.07 -11.44 -2.42
N TYR B 104 -6.83 -10.82 -3.32
CA TYR B 104 -7.00 -11.33 -4.67
C TYR B 104 -6.29 -10.35 -5.58
N GLY B 105 -6.15 -9.11 -5.10
CA GLY B 105 -5.47 -8.11 -5.89
C GLY B 105 -4.11 -8.66 -6.30
N HIS B 106 -3.62 -8.23 -7.46
CA HIS B 106 -2.34 -8.70 -7.96
C HIS B 106 -1.18 -8.35 -7.02
ZN ZN C . -0.72 -21.46 -10.29
ZN ZN D . 0.43 -21.15 3.62
ZN ZN E . -6.20 -20.02 -14.77
#